data_8GRW
#
_entry.id   8GRW
#
_cell.length_a   106.669
_cell.length_b   106.669
_cell.length_c   128.781
_cell.angle_alpha   90.000
_cell.angle_beta   90.000
_cell.angle_gamma   90.000
#
_symmetry.space_group_name_H-M   'P 41 21 2'
#
loop_
_entity.id
_entity.type
_entity.pdbx_description
1 polymer 'Cell division protein FtsZ'
2 non-polymer 2-AMINO-2-HYDROXYMETHYL-PROPANE-1,3-DIOL
3 non-polymer "GUANOSINE-5'-DIPHOSPHATE"
4 water water
#
_entity_poly.entity_id   1
_entity_poly.type   'polypeptide(L)'
_entity_poly.pdbx_seq_one_letter_code
;MDNFDNYEQVASIKVIGIGGAGNNAVNRMIEAGVQGVEFIVANTDAQIISVSKSKNKIVLGKETSKGLGAGANPDVGRQA
AIESAEEIKDALKGADMVFVAAGMGGGTGTGAAPIIAKLAREQGALTVGIITTPFSFEGRARNSYAIQGTEELRKHVDSL
IIISNDRLLEVIGGVPLKDSFKEADNILRQGVQTITDLIAVPSLINLDFADIKTVMKNKGNALMGIGIGSGKDKAIEAAN
KAIISPLLEASIRGARDAIINVTGGNTLTLNDANDAVDIVKQAIGGEVNIIFGTAVNEHLDDEMIVTVIATGFDGSHHHH
HH
;
_entity_poly.pdbx_strand_id   A,B
#
loop_
_chem_comp.id
_chem_comp.type
_chem_comp.name
_chem_comp.formula
GDP RNA linking GUANOSINE-5'-DIPHOSPHATE 'C10 H15 N5 O11 P2'
TRS non-polymer 2-AMINO-2-HYDROXYMETHYL-PROPANE-1,3-DIOL 'C4 H12 N O3 1'
#
# COMPACT_ATOMS: atom_id res chain seq x y z
N VAL A 10 11.50 18.80 -33.95
CA VAL A 10 11.05 18.78 -32.56
C VAL A 10 10.23 17.51 -32.31
N ALA A 11 10.58 16.75 -31.28
CA ALA A 11 9.82 15.55 -30.95
C ALA A 11 8.48 15.92 -30.33
N SER A 12 7.44 15.18 -30.69
CA SER A 12 6.12 15.31 -30.10
C SER A 12 6.02 14.29 -28.96
N ILE A 13 5.94 14.78 -27.72
CA ILE A 13 5.99 13.94 -26.53
C ILE A 13 4.65 14.02 -25.80
N LYS A 14 4.07 12.85 -25.46
CA LYS A 14 2.78 12.79 -24.78
C LYS A 14 2.85 11.89 -23.55
N VAL A 15 2.27 12.36 -22.46
CA VAL A 15 2.03 11.55 -21.27
C VAL A 15 0.53 11.35 -21.09
N ILE A 16 0.10 10.09 -21.00
CA ILE A 16 -1.30 9.77 -20.71
C ILE A 16 -1.33 9.05 -19.37
N GLY A 17 -2.01 9.65 -18.38
CA GLY A 17 -2.15 9.06 -17.07
C GLY A 17 -3.50 8.38 -16.95
N ILE A 18 -3.49 7.14 -16.47
CA ILE A 18 -4.65 6.27 -16.51
C ILE A 18 -5.05 5.95 -15.08
N GLY A 19 -6.34 6.02 -14.79
CA GLY A 19 -6.84 5.69 -13.46
C GLY A 19 -6.45 6.75 -12.45
N GLY A 20 -6.83 6.49 -11.20
CA GLY A 20 -6.62 7.48 -10.15
C GLY A 20 -5.17 7.89 -10.00
N ALA A 21 -4.27 6.91 -9.90
CA ALA A 21 -2.86 7.24 -9.68
C ALA A 21 -2.28 7.98 -10.87
N GLY A 22 -2.54 7.50 -12.09
CA GLY A 22 -2.04 8.20 -13.26
C GLY A 22 -2.57 9.62 -13.37
N ASN A 23 -3.82 9.82 -12.96
CA ASN A 23 -4.43 11.15 -13.03
C ASN A 23 -3.75 12.11 -12.04
N ASN A 24 -3.54 11.66 -10.80
CA ASN A 24 -2.84 12.53 -9.85
C ASN A 24 -1.39 12.74 -10.24
N ALA A 25 -0.79 11.79 -10.95
CA ALA A 25 0.59 11.94 -11.38
C ALA A 25 0.69 13.02 -12.46
N VAL A 26 -0.19 12.98 -13.46
CA VAL A 26 -0.23 14.05 -14.45
C VAL A 26 -0.48 15.40 -13.77
N ASN A 27 -1.36 15.45 -12.76
CA ASN A 27 -1.55 16.72 -12.05
C ASN A 27 -0.24 17.21 -11.45
N ARG A 28 0.53 16.31 -10.84
CA ARG A 28 1.80 16.70 -10.27
C ARG A 28 2.77 17.19 -11.34
N MET A 29 2.75 16.56 -12.51
CA MET A 29 3.66 16.97 -13.57
C MET A 29 3.32 18.36 -14.05
N ILE A 30 2.03 18.67 -14.15
CA ILE A 30 1.60 20.00 -14.55
C ILE A 30 1.97 21.03 -13.47
N GLU A 31 1.68 20.73 -12.20
CA GLU A 31 2.09 21.62 -11.11
C GLU A 31 3.59 21.89 -11.16
N ALA A 32 4.40 20.86 -11.35
CA ALA A 32 5.84 21.06 -11.36
C ALA A 32 6.33 21.76 -12.62
N GLY A 33 5.47 22.00 -13.60
CA GLY A 33 5.90 22.73 -14.80
C GLY A 33 6.78 21.96 -15.75
N VAL A 34 6.51 20.65 -15.92
CA VAL A 34 7.20 19.84 -16.92
C VAL A 34 6.91 20.42 -18.30
N GLN A 35 7.96 20.79 -19.03
CA GLN A 35 7.84 21.44 -20.32
C GLN A 35 7.96 20.45 -21.46
N GLY A 36 7.40 20.81 -22.61
CA GLY A 36 7.62 20.09 -23.84
C GLY A 36 6.74 18.89 -24.03
N VAL A 37 5.73 18.72 -23.17
CA VAL A 37 4.96 17.48 -23.10
C VAL A 37 3.47 17.82 -23.11
N GLU A 38 2.71 17.08 -23.91
CA GLU A 38 1.25 17.13 -23.85
C GLU A 38 0.74 16.13 -22.83
N PHE A 39 -0.17 16.59 -21.97
CA PHE A 39 -0.71 15.77 -20.90
C PHE A 39 -2.14 15.34 -21.20
N ILE A 40 -2.41 14.06 -20.95
CA ILE A 40 -3.71 13.44 -21.20
C ILE A 40 -4.07 12.60 -19.99
N VAL A 41 -5.33 12.62 -19.60
CA VAL A 41 -5.81 11.76 -18.51
C VAL A 41 -6.95 10.90 -19.04
N ALA A 42 -6.97 9.64 -18.60
CA ALA A 42 -8.05 8.71 -18.90
C ALA A 42 -8.49 8.04 -17.61
N ASN A 43 -9.81 7.92 -17.42
CA ASN A 43 -10.33 7.20 -16.27
C ASN A 43 -11.73 6.70 -16.62
N THR A 44 -12.17 5.66 -15.93
CA THR A 44 -13.58 5.29 -15.99
C THR A 44 -14.42 6.10 -15.02
N ASP A 45 -13.77 6.72 -14.02
CA ASP A 45 -14.44 7.55 -13.02
C ASP A 45 -14.41 8.99 -13.52
N ALA A 46 -15.58 9.50 -13.94
CA ALA A 46 -15.65 10.87 -14.46
C ALA A 46 -15.42 11.94 -13.39
N GLN A 47 -15.65 11.62 -12.12
CA GLN A 47 -15.40 12.60 -11.05
C GLN A 47 -13.94 12.99 -10.95
N ILE A 48 -13.03 12.01 -10.93
CA ILE A 48 -11.60 12.32 -10.88
C ILE A 48 -11.17 13.11 -12.11
N ILE A 49 -11.76 12.80 -13.27
CA ILE A 49 -11.40 13.49 -14.49
C ILE A 49 -11.82 14.96 -14.43
N SER A 50 -12.98 15.25 -13.83
CA SER A 50 -13.50 16.61 -13.85
C SER A 50 -12.64 17.58 -13.04
N VAL A 51 -11.85 17.09 -12.08
CA VAL A 51 -10.93 17.95 -11.33
C VAL A 51 -9.49 17.81 -11.82
N SER A 52 -9.29 17.30 -13.04
CA SER A 52 -7.96 17.22 -13.62
C SER A 52 -7.46 18.58 -14.08
N LYS A 53 -6.17 18.85 -13.88
CA LYS A 53 -5.55 20.04 -14.45
C LYS A 53 -5.19 19.88 -15.92
N SER A 54 -5.31 18.68 -16.48
CA SER A 54 -5.04 18.45 -17.90
C SER A 54 -6.20 18.93 -18.78
N LYS A 55 -5.86 19.49 -19.93
CA LYS A 55 -6.90 19.95 -20.84
C LYS A 55 -7.31 18.88 -21.85
N ASN A 56 -6.84 17.65 -21.70
CA ASN A 56 -7.22 16.55 -22.60
C ASN A 56 -7.67 15.38 -21.74
N LYS A 57 -8.97 15.11 -21.78
CA LYS A 57 -9.62 14.22 -20.84
C LYS A 57 -10.39 13.17 -21.61
N ILE A 58 -10.18 11.92 -21.25
CA ILE A 58 -10.91 10.79 -21.81
C ILE A 58 -11.60 10.06 -20.67
N VAL A 59 -12.91 9.89 -20.81
CA VAL A 59 -13.68 8.99 -19.95
C VAL A 59 -13.73 7.65 -20.67
N LEU A 60 -13.08 6.65 -20.10
CA LEU A 60 -13.06 5.32 -20.71
C LEU A 60 -14.39 4.61 -20.48
N GLY A 61 -14.89 3.96 -21.53
CA GLY A 61 -16.10 3.17 -21.43
C GLY A 61 -17.33 4.00 -21.15
N LYS A 62 -17.44 5.15 -21.81
CA LYS A 62 -18.55 6.09 -21.58
C LYS A 62 -19.91 5.44 -21.77
N GLU A 63 -20.04 4.53 -22.75
CA GLU A 63 -21.33 3.91 -23.05
C GLU A 63 -21.73 2.83 -22.05
N THR A 64 -20.77 2.13 -21.45
CA THR A 64 -21.08 0.98 -20.60
C THR A 64 -20.89 1.28 -19.11
N SER A 65 -19.74 1.85 -18.72
CA SER A 65 -19.49 2.26 -17.34
C SER A 65 -20.00 3.67 -17.05
N LYS A 66 -20.13 4.51 -18.07
CA LYS A 66 -20.88 5.76 -17.97
C LYS A 66 -20.24 6.76 -17.01
N GLY A 67 -18.92 6.73 -16.89
CA GLY A 67 -18.24 7.63 -15.98
C GLY A 67 -18.45 7.31 -14.53
N LEU A 68 -19.07 6.18 -14.22
CA LEU A 68 -19.36 5.81 -12.84
C LEU A 68 -18.23 5.01 -12.19
N GLY A 69 -17.12 4.79 -12.88
CA GLY A 69 -16.03 4.00 -12.34
C GLY A 69 -16.12 2.54 -12.74
N ALA A 70 -15.02 1.82 -12.51
CA ALA A 70 -14.93 0.42 -12.88
C ALA A 70 -15.05 -0.54 -11.71
N GLY A 71 -14.75 -0.12 -10.49
CA GLY A 71 -14.62 -1.07 -9.41
C GLY A 71 -13.27 -1.76 -9.44
N ALA A 72 -13.21 -2.87 -8.70
CA ALA A 72 -11.94 -3.51 -8.33
C ALA A 72 -11.36 -4.40 -9.43
N ASN A 73 -12.08 -4.62 -10.53
CA ASN A 73 -11.77 -5.72 -11.44
C ASN A 73 -11.08 -5.24 -12.71
N PRO A 74 -9.82 -5.61 -12.96
CA PRO A 74 -9.11 -5.08 -14.14
C PRO A 74 -9.80 -5.37 -15.47
N ASP A 75 -10.62 -6.43 -15.55
CA ASP A 75 -11.30 -6.73 -16.81
C ASP A 75 -12.23 -5.59 -17.24
N VAL A 76 -12.80 -4.87 -16.29
CA VAL A 76 -13.68 -3.76 -16.64
C VAL A 76 -12.86 -2.61 -17.22
N GLY A 77 -11.74 -2.28 -16.55
CA GLY A 77 -10.84 -1.27 -17.08
C GLY A 77 -10.35 -1.63 -18.48
N ARG A 78 -9.96 -2.88 -18.69
CA ARG A 78 -9.58 -3.35 -20.02
C ARG A 78 -10.70 -3.12 -21.04
N GLN A 79 -11.91 -3.59 -20.73
CA GLN A 79 -13.04 -3.48 -21.65
C GLN A 79 -13.40 -2.02 -21.92
N ALA A 80 -13.30 -1.17 -20.90
CA ALA A 80 -13.55 0.25 -21.10
C ALA A 80 -12.54 0.86 -22.08
N ALA A 81 -11.26 0.47 -22.00
CA ALA A 81 -10.26 1.03 -22.89
C ALA A 81 -10.43 0.54 -24.32
N ILE A 82 -10.78 -0.74 -24.49
CA ILE A 82 -11.12 -1.25 -25.83
C ILE A 82 -12.29 -0.46 -26.41
N GLU A 83 -13.34 -0.21 -25.60
CA GLU A 83 -14.47 0.57 -26.09
C GLU A 83 -14.03 1.96 -26.57
N SER A 84 -13.11 2.59 -25.85
CA SER A 84 -12.71 3.95 -26.18
C SER A 84 -11.53 4.01 -27.15
N ALA A 85 -11.16 2.87 -27.77
CA ALA A 85 -9.93 2.78 -28.54
C ALA A 85 -9.76 3.93 -29.51
N GLU A 86 -10.80 4.26 -30.28
CA GLU A 86 -10.65 5.27 -31.31
C GLU A 86 -10.40 6.65 -30.70
N GLU A 87 -11.05 6.98 -29.60
CA GLU A 87 -10.78 8.27 -28.97
C GLU A 87 -9.38 8.30 -28.37
N ILE A 88 -8.85 7.15 -27.97
CA ILE A 88 -7.48 7.11 -27.48
C ILE A 88 -6.50 7.35 -28.62
N LYS A 89 -6.76 6.75 -29.78
CA LYS A 89 -5.89 6.95 -30.93
C LYS A 89 -5.88 8.40 -31.38
N ASP A 90 -7.05 9.05 -31.35
CA ASP A 90 -7.10 10.47 -31.70
C ASP A 90 -6.27 11.30 -30.77
N ALA A 91 -6.33 11.02 -29.46
CA ALA A 91 -5.57 11.85 -28.54
C ALA A 91 -4.08 11.66 -28.74
N LEU A 92 -3.67 10.45 -29.09
CA LEU A 92 -2.26 10.12 -29.13
C LEU A 92 -1.66 10.32 -30.51
N LYS A 93 -2.50 10.57 -31.52
CA LYS A 93 -2.03 10.62 -32.90
C LYS A 93 -0.92 11.65 -33.05
N GLY A 94 0.09 11.31 -33.83
CA GLY A 94 1.20 12.21 -34.08
C GLY A 94 2.34 12.12 -33.10
N ALA A 95 2.17 11.46 -31.95
CA ALA A 95 3.22 11.39 -30.95
C ALA A 95 4.43 10.61 -31.47
N ASP A 96 5.62 11.13 -31.19
CA ASP A 96 6.83 10.32 -31.33
C ASP A 96 7.10 9.47 -30.10
N MET A 97 6.72 9.95 -28.91
CA MET A 97 6.98 9.24 -27.67
C MET A 97 5.77 9.33 -26.75
N VAL A 98 5.36 8.22 -26.16
CA VAL A 98 4.22 8.20 -25.25
C VAL A 98 4.64 7.54 -23.95
N PHE A 99 4.43 8.25 -22.85
CA PHE A 99 4.55 7.69 -21.51
C PHE A 99 3.16 7.25 -21.05
N VAL A 100 3.06 6.01 -20.58
CA VAL A 100 1.83 5.50 -20.00
C VAL A 100 2.05 5.40 -18.48
N ALA A 101 1.31 6.22 -17.73
CA ALA A 101 1.49 6.34 -16.29
C ALA A 101 0.27 5.78 -15.57
N ALA A 102 0.49 4.91 -14.59
CA ALA A 102 -0.63 4.31 -13.87
C ALA A 102 -0.11 3.66 -12.60
N GLY A 103 -1.04 3.38 -11.68
CA GLY A 103 -0.76 2.65 -10.47
C GLY A 103 -1.36 1.27 -10.60
N MET A 104 -0.57 0.23 -10.41
CA MET A 104 -1.11 -1.10 -10.55
C MET A 104 -1.89 -1.50 -9.29
N GLY A 105 -2.95 -2.27 -9.47
CA GLY A 105 -3.67 -2.75 -8.32
C GLY A 105 -5.17 -2.51 -8.31
N GLY A 106 -5.62 -1.49 -9.04
CA GLY A 106 -7.04 -1.21 -9.17
C GLY A 106 -7.62 -1.86 -10.41
N GLY A 107 -8.86 -1.47 -10.72
CA GLY A 107 -9.57 -1.99 -11.86
C GLY A 107 -9.35 -1.20 -13.14
N THR A 108 -8.99 0.07 -13.03
CA THR A 108 -8.86 0.88 -14.23
C THR A 108 -7.42 0.94 -14.75
N GLY A 109 -6.46 1.29 -13.90
CA GLY A 109 -5.08 1.36 -14.36
C GLY A 109 -4.58 0.01 -14.82
N THR A 110 -4.67 -0.98 -13.91
CA THR A 110 -4.26 -2.36 -14.19
C THR A 110 -4.74 -2.87 -15.56
N GLY A 111 -6.01 -2.65 -15.88
CA GLY A 111 -6.59 -3.22 -17.08
C GLY A 111 -6.59 -2.32 -18.30
N ALA A 112 -6.73 -1.00 -18.11
CA ALA A 112 -6.68 -0.09 -19.26
C ALA A 112 -5.27 0.17 -19.78
N ALA A 113 -4.26 0.18 -18.91
CA ALA A 113 -2.93 0.62 -19.37
C ALA A 113 -2.33 -0.28 -20.46
N PRO A 114 -2.43 -1.60 -20.41
CA PRO A 114 -1.89 -2.40 -21.53
C PRO A 114 -2.57 -2.12 -22.86
N ILE A 115 -3.89 -1.88 -22.85
CA ILE A 115 -4.58 -1.56 -24.10
C ILE A 115 -4.09 -0.24 -24.65
N ILE A 116 -3.93 0.76 -23.79
CA ILE A 116 -3.51 2.07 -24.24
C ILE A 116 -2.06 2.02 -24.71
N ALA A 117 -1.21 1.26 -24.01
CA ALA A 117 0.16 1.02 -24.48
C ALA A 117 0.15 0.44 -25.90
N LYS A 118 -0.65 -0.60 -26.14
CA LYS A 118 -0.68 -1.25 -27.44
C LYS A 118 -1.07 -0.29 -28.53
N LEU A 119 -2.19 0.43 -28.33
CA LEU A 119 -2.62 1.44 -29.29
C LEU A 119 -1.49 2.44 -29.61
N ALA A 120 -0.81 2.94 -28.58
CA ALA A 120 0.25 3.93 -28.81
C ALA A 120 1.40 3.33 -29.61
N ARG A 121 1.81 2.10 -29.28
CA ARG A 121 2.92 1.46 -29.98
C ARG A 121 2.56 1.16 -31.42
N GLU A 122 1.35 0.66 -31.67
CA GLU A 122 0.92 0.41 -33.04
C GLU A 122 0.86 1.69 -33.87
N GLN A 123 0.64 2.84 -33.23
CA GLN A 123 0.67 4.09 -33.98
C GLN A 123 2.08 4.49 -34.38
N GLY A 124 3.12 3.90 -33.79
CA GLY A 124 4.48 4.23 -34.11
C GLY A 124 5.27 4.92 -33.01
N ALA A 125 4.64 5.30 -31.91
CA ALA A 125 5.33 6.01 -30.85
C ALA A 125 6.30 5.09 -30.11
N LEU A 126 7.44 5.63 -29.71
CA LEU A 126 8.22 4.99 -28.67
C LEU A 126 7.40 5.08 -27.38
N THR A 127 7.11 3.92 -26.80
CA THR A 127 6.10 3.82 -25.75
C THR A 127 6.73 3.32 -24.46
N VAL A 128 6.71 4.14 -23.42
CA VAL A 128 7.38 3.88 -22.15
C VAL A 128 6.33 3.82 -21.05
N GLY A 129 6.24 2.68 -20.37
CA GLY A 129 5.37 2.55 -19.22
C GLY A 129 6.12 2.95 -17.95
N ILE A 130 5.44 3.71 -17.09
CA ILE A 130 5.96 4.01 -15.76
C ILE A 130 4.84 3.86 -14.74
N ILE A 131 5.02 2.91 -13.82
CA ILE A 131 3.93 2.43 -12.99
C ILE A 131 4.43 2.22 -11.57
N THR A 132 3.50 2.25 -10.62
CA THR A 132 3.77 1.85 -9.26
C THR A 132 3.14 0.49 -8.98
N THR A 133 3.73 -0.23 -8.03
CA THR A 133 3.05 -1.42 -7.54
C THR A 133 2.53 -1.17 -6.13
N PRO A 134 1.46 -1.86 -5.72
CA PRO A 134 0.77 -1.49 -4.48
C PRO A 134 1.55 -1.88 -3.23
N PHE A 135 1.20 -1.24 -2.12
CA PHE A 135 1.69 -1.66 -0.82
C PHE A 135 1.29 -3.11 -0.56
N SER A 136 2.15 -3.83 0.16
CA SER A 136 1.81 -5.22 0.49
C SER A 136 0.54 -5.28 1.33
N PHE A 137 0.32 -4.30 2.20
CA PHE A 137 -0.84 -4.27 3.07
C PHE A 137 -2.11 -3.78 2.36
N GLU A 138 -2.12 -3.70 1.03
CA GLU A 138 -3.37 -3.57 0.30
C GLU A 138 -3.98 -4.93 0.01
N GLY A 139 -3.31 -6.00 0.47
CA GLY A 139 -3.87 -7.33 0.39
C GLY A 139 -3.51 -8.04 -0.89
N ARG A 140 -3.99 -9.28 -0.98
CA ARG A 140 -3.56 -10.22 -2.01
C ARG A 140 -4.34 -10.08 -3.30
N ALA A 141 -5.62 -9.75 -3.23
CA ALA A 141 -6.37 -9.50 -4.46
C ALA A 141 -5.69 -8.40 -5.29
N ARG A 142 -5.33 -7.27 -4.65
CA ARG A 142 -4.78 -6.15 -5.39
C ARG A 142 -3.33 -6.38 -5.81
N ASN A 143 -2.54 -7.08 -5.00
CA ASN A 143 -1.16 -7.37 -5.41
C ASN A 143 -1.09 -8.43 -6.49
N SER A 144 -1.99 -9.42 -6.46
CA SER A 144 -2.07 -10.37 -7.56
C SER A 144 -2.47 -9.68 -8.85
N TYR A 145 -3.51 -8.84 -8.78
CA TYR A 145 -3.90 -8.04 -9.94
C TYR A 145 -2.71 -7.25 -10.50
N ALA A 146 -1.95 -6.60 -9.62
CA ALA A 146 -0.84 -5.78 -10.08
C ALA A 146 0.21 -6.62 -10.81
N ILE A 147 0.56 -7.78 -10.25
CA ILE A 147 1.48 -8.68 -10.93
C ILE A 147 0.99 -9.00 -12.33
N GLN A 148 -0.29 -9.36 -12.46
CA GLN A 148 -0.81 -9.69 -13.78
C GLN A 148 -0.78 -8.48 -14.71
N GLY A 149 -1.12 -7.30 -14.20
CA GLY A 149 -1.16 -6.11 -15.05
C GLY A 149 0.22 -5.64 -15.45
N THR A 150 1.20 -5.77 -14.56
CA THR A 150 2.59 -5.50 -14.92
C THR A 150 3.02 -6.35 -16.11
N GLU A 151 2.74 -7.65 -16.06
CA GLU A 151 3.15 -8.54 -17.14
C GLU A 151 2.44 -8.17 -18.45
N GLU A 152 1.15 -7.84 -18.39
CA GLU A 152 0.45 -7.45 -19.62
C GLU A 152 0.98 -6.13 -20.17
N LEU A 153 1.23 -5.14 -19.30
CA LEU A 153 1.80 -3.89 -19.78
C LEU A 153 3.20 -4.13 -20.38
N ARG A 154 4.00 -4.94 -19.70
CA ARG A 154 5.33 -5.25 -20.21
C ARG A 154 5.28 -5.83 -21.62
N LYS A 155 4.22 -6.56 -21.97
CA LYS A 155 4.12 -7.11 -23.32
C LYS A 155 4.04 -6.02 -24.39
N HIS A 156 3.49 -4.84 -24.04
CA HIS A 156 3.08 -3.85 -25.03
C HIS A 156 3.81 -2.53 -24.97
N VAL A 157 4.76 -2.35 -24.07
CA VAL A 157 5.55 -1.14 -24.03
C VAL A 157 6.95 -1.47 -24.51
N ASP A 158 7.64 -0.45 -25.04
CA ASP A 158 9.05 -0.59 -25.38
C ASP A 158 9.91 -0.77 -24.14
N SER A 159 9.61 -0.01 -23.07
CA SER A 159 10.37 -0.05 -21.83
C SER A 159 9.43 0.15 -20.67
N LEU A 160 9.72 -0.52 -19.56
CA LEU A 160 8.84 -0.51 -18.40
C LEU A 160 9.62 -0.14 -17.15
N ILE A 161 9.28 0.99 -16.55
CA ILE A 161 9.86 1.42 -15.27
C ILE A 161 8.84 1.13 -14.19
N ILE A 162 9.29 0.48 -13.11
CA ILE A 162 8.42 0.02 -12.03
C ILE A 162 8.92 0.64 -10.73
N ILE A 163 8.03 1.35 -10.05
CA ILE A 163 8.31 1.95 -8.75
C ILE A 163 7.47 1.24 -7.71
N SER A 164 8.13 0.63 -6.74
CA SER A 164 7.47 -0.14 -5.68
C SER A 164 7.11 0.78 -4.52
N ASN A 165 5.83 0.79 -4.13
CA ASN A 165 5.46 1.58 -2.95
C ASN A 165 6.10 1.02 -1.69
N ASP A 166 6.17 -0.31 -1.56
CA ASP A 166 6.85 -0.90 -0.40
C ASP A 166 8.26 -0.32 -0.23
N ARG A 167 9.04 -0.30 -1.32
CA ARG A 167 10.41 0.17 -1.22
C ARG A 167 10.47 1.68 -1.05
N LEU A 168 9.55 2.41 -1.67
CA LEU A 168 9.50 3.84 -1.48
C LEU A 168 9.27 4.19 -0.01
N LEU A 169 8.72 3.23 0.75
CA LEU A 169 8.46 3.43 2.16
C LEU A 169 9.75 3.69 2.94
N GLU A 170 10.82 2.95 2.61
CA GLU A 170 12.11 3.19 3.25
C GLU A 170 12.71 4.51 2.82
N VAL A 171 12.97 4.67 1.52
CA VAL A 171 13.47 5.93 0.96
C VAL A 171 12.57 7.09 1.41
N ALA A 184 7.58 -4.57 10.86
CA ALA A 184 6.61 -5.28 11.68
C ALA A 184 5.19 -4.79 11.37
N ASP A 185 4.69 -5.15 10.20
CA ASP A 185 3.50 -4.53 9.63
C ASP A 185 2.38 -5.56 9.44
N ASN A 186 1.49 -5.64 10.43
CA ASN A 186 0.21 -6.32 10.26
C ASN A 186 -0.70 -5.83 11.39
N ILE A 187 -1.64 -4.96 11.05
CA ILE A 187 -2.38 -4.25 12.09
C ILE A 187 -3.31 -5.20 12.85
N LEU A 188 -3.78 -6.26 12.19
CA LEU A 188 -4.65 -7.20 12.89
C LEU A 188 -3.86 -8.03 13.89
N ARG A 189 -2.65 -8.45 13.53
CA ARG A 189 -1.80 -9.12 14.51
C ARG A 189 -1.57 -8.26 15.76
N GLN A 190 -1.37 -6.96 15.58
CA GLN A 190 -1.10 -6.10 16.72
C GLN A 190 -2.31 -5.95 17.62
N GLY A 191 -3.49 -5.78 17.04
CA GLY A 191 -4.70 -5.69 17.85
C GLY A 191 -4.92 -6.94 18.68
N VAL A 192 -4.76 -8.12 18.08
CA VAL A 192 -4.95 -9.37 18.82
C VAL A 192 -3.89 -9.50 19.89
N GLN A 193 -2.61 -9.50 19.48
CA GLN A 193 -1.51 -9.66 20.42
C GLN A 193 -1.59 -8.65 21.57
N THR A 194 -2.03 -7.42 21.27
CA THR A 194 -2.10 -6.39 22.31
C THR A 194 -2.89 -6.91 23.51
N ILE A 195 -3.97 -7.66 23.25
CA ILE A 195 -4.81 -8.20 24.32
C ILE A 195 -4.29 -9.54 24.83
N THR A 196 -3.92 -10.46 23.93
CA THR A 196 -3.68 -11.84 24.34
C THR A 196 -2.42 -11.97 25.19
N ASP A 197 -1.36 -11.23 24.85
CA ASP A 197 -0.13 -11.32 25.64
C ASP A 197 -0.36 -10.92 27.10
N LEU A 198 -1.34 -10.04 27.35
CA LEU A 198 -1.62 -9.64 28.72
C LEU A 198 -2.18 -10.77 29.58
N ILE A 199 -2.77 -11.80 28.96
CA ILE A 199 -3.35 -12.90 29.71
C ILE A 199 -2.70 -14.26 29.40
N ALA A 200 -2.00 -14.41 28.28
CA ALA A 200 -1.42 -15.68 27.89
C ALA A 200 0.08 -15.73 28.07
N VAL A 201 0.72 -14.59 28.33
CA VAL A 201 2.16 -14.51 28.47
C VAL A 201 2.47 -13.75 29.76
N PRO A 202 3.18 -14.37 30.71
CA PRO A 202 3.49 -13.66 31.96
C PRO A 202 4.57 -12.60 31.73
N SER A 203 4.43 -11.49 32.45
CA SER A 203 5.35 -10.36 32.31
C SER A 203 5.25 -9.51 33.57
N LEU A 204 5.82 -8.30 33.53
CA LEU A 204 5.85 -7.44 34.70
C LEU A 204 4.45 -7.20 35.26
N ILE A 205 3.46 -6.94 34.40
CA ILE A 205 2.08 -6.74 34.83
C ILE A 205 1.17 -7.54 33.89
N ASN A 206 0.27 -8.32 34.48
CA ASN A 206 -0.62 -9.21 33.74
C ASN A 206 -2.07 -8.92 34.08
N LEU A 207 -2.97 -9.44 33.25
CA LEU A 207 -4.41 -9.33 33.50
C LEU A 207 -5.02 -10.72 33.47
N ASP A 208 -6.18 -10.85 34.11
CA ASP A 208 -6.95 -12.07 34.12
C ASP A 208 -8.01 -12.02 33.02
N PHE A 209 -8.33 -13.19 32.46
CA PHE A 209 -9.36 -13.25 31.44
C PHE A 209 -10.63 -12.54 31.90
N ALA A 210 -11.00 -12.69 33.18
CA ALA A 210 -12.23 -12.06 33.66
C ALA A 210 -12.14 -10.53 33.65
N ASP A 211 -10.94 -9.96 33.66
CA ASP A 211 -10.80 -8.51 33.54
C ASP A 211 -11.11 -8.06 32.11
N ILE A 212 -10.49 -8.71 31.13
CA ILE A 212 -10.83 -8.47 29.73
C ILE A 212 -12.33 -8.65 29.50
N LYS A 213 -12.91 -9.69 30.10
CA LYS A 213 -14.31 -10.02 29.82
C LYS A 213 -15.25 -8.92 30.27
N THR A 214 -14.92 -8.21 31.35
CA THR A 214 -15.81 -7.14 31.82
C THR A 214 -15.69 -5.88 30.96
N VAL A 215 -14.47 -5.58 30.47
CA VAL A 215 -14.30 -4.41 29.62
C VAL A 215 -14.87 -4.65 28.22
N MET A 216 -14.91 -5.89 27.76
CA MET A 216 -15.21 -6.17 26.36
C MET A 216 -16.53 -6.90 26.12
N LYS A 217 -17.16 -7.45 27.15
CA LYS A 217 -18.42 -8.16 26.94
C LYS A 217 -19.54 -7.15 26.67
N ASN A 218 -20.23 -7.34 25.54
CA ASN A 218 -21.39 -6.52 25.15
C ASN A 218 -21.07 -5.03 25.20
N LYS A 219 -19.94 -4.64 24.60
CA LYS A 219 -19.47 -3.27 24.68
C LYS A 219 -19.50 -2.52 23.35
N GLY A 220 -19.71 -3.20 22.23
CA GLY A 220 -19.83 -2.52 20.94
C GLY A 220 -18.50 -2.05 20.36
N ASN A 221 -18.58 -0.98 19.58
CA ASN A 221 -17.44 -0.50 18.80
C ASN A 221 -16.24 -0.22 19.69
N ALA A 222 -15.05 -0.52 19.15
CA ALA A 222 -13.78 -0.21 19.79
C ALA A 222 -12.86 0.36 18.73
N LEU A 223 -11.83 1.06 19.20
CA LEU A 223 -10.81 1.59 18.32
C LEU A 223 -9.46 1.35 18.96
N MET A 224 -8.44 1.43 18.14
CA MET A 224 -7.10 1.05 18.53
C MET A 224 -6.19 2.24 18.35
N GLY A 225 -5.23 2.39 19.26
CA GLY A 225 -4.21 3.40 19.12
C GLY A 225 -2.85 2.75 19.29
N ILE A 226 -1.85 3.35 18.64
CA ILE A 226 -0.47 2.90 18.77
C ILE A 226 0.43 4.13 18.88
N GLY A 227 1.49 3.99 19.69
CA GLY A 227 2.47 5.04 19.85
C GLY A 227 3.84 4.46 20.20
N ILE A 228 4.90 4.99 19.61
CA ILE A 228 6.25 4.49 19.79
C ILE A 228 7.10 5.59 20.40
N GLY A 229 8.13 5.18 21.16
CA GLY A 229 8.99 6.12 21.84
C GLY A 229 10.28 5.47 22.27
N SER A 230 11.37 6.23 22.21
CA SER A 230 12.70 5.68 22.45
C SER A 230 13.48 6.57 23.40
N GLY A 231 14.35 5.93 24.19
CA GLY A 231 15.27 6.64 25.05
C GLY A 231 14.56 7.33 26.22
N LYS A 232 15.29 8.29 26.80
CA LYS A 232 14.83 8.99 27.99
C LYS A 232 13.40 9.45 27.84
N ASP A 233 12.60 9.20 28.88
CA ASP A 233 11.17 9.53 28.87
C ASP A 233 10.44 8.85 27.71
N LYS A 234 10.89 7.65 27.35
CA LYS A 234 10.19 6.86 26.34
C LYS A 234 8.70 6.76 26.65
N ALA A 235 8.35 6.63 27.93
CA ALA A 235 6.95 6.53 28.32
C ALA A 235 6.16 7.77 27.91
N ILE A 236 6.62 8.95 28.36
CA ILE A 236 5.89 10.18 28.05
C ILE A 236 5.66 10.31 26.55
N GLU A 237 6.62 9.85 25.75
CA GLU A 237 6.55 9.98 24.30
C GLU A 237 5.58 8.95 23.70
N ALA A 238 5.85 7.66 23.92
CA ALA A 238 4.97 6.62 23.40
C ALA A 238 3.55 6.80 23.91
N ALA A 239 3.38 6.97 25.22
CA ALA A 239 2.04 7.12 25.78
C ALA A 239 1.31 8.29 25.13
N ASN A 240 2.04 9.38 24.85
CA ASN A 240 1.40 10.56 24.29
C ASN A 240 1.03 10.36 22.83
N LYS A 241 1.92 9.72 22.06
CA LYS A 241 1.60 9.37 20.67
C LYS A 241 0.41 8.43 20.58
N ALA A 242 0.35 7.44 21.48
CA ALA A 242 -0.72 6.45 21.43
C ALA A 242 -2.08 7.11 21.40
N ILE A 243 -2.32 8.06 22.32
CA ILE A 243 -3.65 8.64 22.49
C ILE A 243 -4.01 9.62 21.39
N ILE A 244 -3.03 10.07 20.60
CA ILE A 244 -3.29 10.93 19.45
C ILE A 244 -3.30 10.14 18.13
N SER A 245 -3.25 8.81 18.20
CA SER A 245 -3.03 8.01 17.01
C SER A 245 -4.14 8.23 15.99
N PRO A 246 -3.81 8.41 14.71
CA PRO A 246 -4.86 8.48 13.69
C PRO A 246 -5.80 7.29 13.70
N LEU A 247 -5.32 6.12 14.13
CA LEU A 247 -6.19 4.96 14.26
C LEU A 247 -7.32 5.21 15.24
N LEU A 248 -7.08 6.05 16.27
CA LEU A 248 -8.12 6.36 17.23
C LEU A 248 -9.15 7.36 16.72
N GLU A 249 -8.85 8.05 15.62
CA GLU A 249 -9.82 8.92 14.96
C GLU A 249 -10.29 10.05 15.87
N ALA A 250 -9.40 10.51 16.74
CA ALA A 250 -9.62 11.71 17.57
C ALA A 250 -10.78 11.52 18.55
N SER A 251 -10.93 10.31 19.11
CA SER A 251 -12.09 10.07 19.95
C SER A 251 -11.79 9.26 21.21
N ILE A 252 -10.54 9.22 21.64
CA ILE A 252 -10.18 8.39 22.79
C ILE A 252 -10.99 8.78 24.03
N ARG A 253 -11.13 10.09 24.28
CA ARG A 253 -11.82 10.59 25.48
C ARG A 253 -13.33 10.37 25.45
N GLY A 254 -13.89 9.84 24.36
CA GLY A 254 -15.29 9.44 24.34
C GLY A 254 -15.45 7.95 24.61
N ALA A 255 -14.44 7.35 25.24
CA ALA A 255 -14.45 5.93 25.58
C ALA A 255 -14.57 5.77 27.08
N ARG A 256 -15.49 4.88 27.51
CA ARG A 256 -15.68 4.60 28.93
C ARG A 256 -14.60 3.67 29.48
N ASP A 257 -14.17 2.69 28.68
CA ASP A 257 -13.17 1.72 29.10
C ASP A 257 -12.04 1.68 28.07
N ALA A 258 -10.85 1.32 28.56
CA ALA A 258 -9.71 1.16 27.69
C ALA A 258 -8.78 0.10 28.28
N ILE A 259 -8.14 -0.67 27.41
CA ILE A 259 -7.08 -1.59 27.78
C ILE A 259 -5.79 -1.00 27.24
N ILE A 260 -4.70 -1.14 28.00
CA ILE A 260 -3.42 -0.58 27.59
C ILE A 260 -2.36 -1.68 27.65
N ASN A 261 -1.56 -1.77 26.60
CA ASN A 261 -0.48 -2.75 26.50
C ASN A 261 0.83 -2.00 26.33
N VAL A 262 1.58 -1.87 27.42
CA VAL A 262 2.94 -1.32 27.39
C VAL A 262 3.90 -2.46 27.07
N THR A 263 4.49 -2.42 25.87
CA THR A 263 5.39 -3.44 25.36
C THR A 263 6.79 -2.85 25.21
N GLY A 264 7.79 -3.57 25.71
CA GLY A 264 9.15 -3.06 25.69
C GLY A 264 10.21 -4.14 25.62
N GLY A 265 11.48 -3.76 25.73
CA GLY A 265 12.57 -4.71 25.74
C GLY A 265 12.81 -5.27 27.13
N ASN A 266 13.87 -6.06 27.24
CA ASN A 266 14.25 -6.63 28.54
C ASN A 266 14.54 -5.55 29.57
N THR A 267 14.87 -4.33 29.14
CA THR A 267 15.18 -3.23 30.05
C THR A 267 13.94 -2.51 30.55
N LEU A 268 12.81 -3.20 30.69
CA LEU A 268 11.55 -2.55 31.03
C LEU A 268 11.26 -2.74 32.51
N THR A 269 11.02 -1.64 33.21
CA THR A 269 10.82 -1.66 34.65
C THR A 269 9.41 -1.22 34.98
N LEU A 270 8.97 -1.61 36.19
CA LEU A 270 7.66 -1.21 36.67
C LEU A 270 7.45 0.29 36.58
N ASN A 271 8.50 1.08 36.83
CA ASN A 271 8.38 2.53 36.78
C ASN A 271 8.01 3.03 35.40
N ASP A 272 8.49 2.36 34.35
CA ASP A 272 8.15 2.77 32.99
C ASP A 272 6.66 2.54 32.70
N ALA A 273 6.17 1.34 33.03
CA ALA A 273 4.79 0.99 32.74
C ALA A 273 3.81 1.96 33.40
N ASN A 274 4.07 2.32 34.66
CA ASN A 274 3.17 3.21 35.38
C ASN A 274 3.33 4.67 34.95
N ASP A 275 4.52 5.07 34.54
CA ASP A 275 4.68 6.39 33.94
C ASP A 275 3.93 6.46 32.61
N ALA A 276 4.03 5.40 31.80
CA ALA A 276 3.22 5.29 30.59
C ALA A 276 1.73 5.41 30.93
N VAL A 277 1.21 4.46 31.71
CA VAL A 277 -0.22 4.43 31.97
C VAL A 277 -0.69 5.70 32.66
N ASP A 278 0.19 6.33 33.45
CA ASP A 278 -0.19 7.57 34.14
C ASP A 278 -0.49 8.69 33.14
N ILE A 279 0.39 8.87 32.14
CA ILE A 279 0.14 9.85 31.08
C ILE A 279 -1.26 9.64 30.50
N VAL A 280 -1.59 8.40 30.14
CA VAL A 280 -2.89 8.11 29.55
C VAL A 280 -4.01 8.38 30.55
N LYS A 281 -3.84 7.90 31.78
CA LYS A 281 -4.84 8.15 32.81
C LYS A 281 -5.01 9.65 33.05
N GLN A 282 -3.92 10.41 32.96
CA GLN A 282 -3.98 11.86 33.17
C GLN A 282 -4.88 12.54 32.14
N ALA A 283 -5.06 11.92 30.97
CA ALA A 283 -6.05 12.34 29.98
C ALA A 283 -7.20 11.34 29.91
N ILE A 284 -7.65 10.88 31.08
CA ILE A 284 -8.73 9.90 31.21
C ILE A 284 -9.58 10.28 32.42
N GLY A 285 -10.89 10.10 32.28
CA GLY A 285 -11.80 10.41 33.37
C GLY A 285 -12.03 9.22 34.30
N GLY A 286 -13.28 9.01 34.68
CA GLY A 286 -13.64 7.91 35.57
C GLY A 286 -14.35 8.36 36.83
N VAL A 288 -13.03 6.99 32.55
CA VAL A 288 -12.34 6.04 31.70
C VAL A 288 -11.64 4.97 32.54
N ASN A 289 -12.30 3.82 32.70
CA ASN A 289 -11.69 2.69 33.39
C ASN A 289 -10.55 2.12 32.55
N ILE A 290 -9.38 1.96 33.18
CA ILE A 290 -8.17 1.57 32.48
C ILE A 290 -7.56 0.35 33.18
N ILE A 291 -7.31 -0.70 32.39
CA ILE A 291 -6.59 -1.88 32.85
C ILE A 291 -5.41 -2.07 31.91
N PHE A 292 -4.36 -2.72 32.40
CA PHE A 292 -3.13 -2.70 31.61
C PHE A 292 -2.19 -3.80 32.05
N GLY A 293 -1.23 -4.09 31.18
CA GLY A 293 -0.22 -5.08 31.42
C GLY A 293 0.95 -4.82 30.49
N THR A 294 1.91 -5.75 30.50
CA THR A 294 3.16 -5.57 29.76
C THR A 294 3.46 -6.81 28.91
N ALA A 295 4.45 -6.65 28.04
CA ALA A 295 5.03 -7.72 27.25
C ALA A 295 6.41 -7.25 26.83
N VAL A 296 7.21 -8.17 26.30
CA VAL A 296 8.63 -7.90 26.05
C VAL A 296 8.99 -8.30 24.62
N ASN A 297 9.90 -7.52 24.01
CA ASN A 297 10.33 -7.77 22.63
C ASN A 297 11.83 -7.52 22.42
N GLU A 298 12.22 -7.18 21.18
CA GLU A 298 13.63 -7.03 20.78
C GLU A 298 14.03 -5.55 20.84
N HIS A 299 14.22 -5.06 22.07
CA HIS A 299 14.57 -3.65 22.30
C HIS A 299 13.59 -2.71 21.57
N GLU A 303 12.43 2.43 22.49
CA GLU A 303 12.16 1.00 22.63
C GLU A 303 10.88 0.72 23.43
N MET A 304 9.91 1.63 23.43
CA MET A 304 8.66 1.42 24.14
C MET A 304 7.47 1.63 23.20
N ILE A 305 6.60 0.63 23.09
CA ILE A 305 5.38 0.71 22.30
C ILE A 305 4.19 0.64 23.24
N VAL A 306 3.29 1.61 23.14
CA VAL A 306 2.07 1.64 23.91
C VAL A 306 0.92 1.43 22.92
N THR A 307 0.10 0.40 23.18
CA THR A 307 -1.08 0.14 22.37
C THR A 307 -2.32 0.34 23.23
N VAL A 308 -3.26 1.13 22.73
CA VAL A 308 -4.52 1.38 23.41
C VAL A 308 -5.63 0.72 22.61
N ILE A 309 -6.51 0.01 23.30
CA ILE A 309 -7.76 -0.46 22.75
C ILE A 309 -8.87 0.14 23.59
N ALA A 310 -9.72 0.94 22.97
CA ALA A 310 -10.76 1.69 23.65
C ALA A 310 -12.13 1.17 23.24
N THR A 311 -13.02 1.00 24.22
CA THR A 311 -14.36 0.43 24.02
C THR A 311 -15.40 1.27 24.76
N GLY A 312 -16.67 0.94 24.53
CA GLY A 312 -17.75 1.70 25.13
C GLY A 312 -18.18 2.92 24.33
N VAL B 10 -5.78 -20.51 32.76
CA VAL B 10 -5.42 -20.59 31.34
C VAL B 10 -6.67 -20.55 30.45
N ALA B 11 -6.97 -19.37 29.88
CA ALA B 11 -8.11 -19.25 28.98
C ALA B 11 -7.78 -19.83 27.61
N SER B 12 -8.81 -20.37 26.96
CA SER B 12 -8.68 -20.88 25.59
C SER B 12 -9.03 -19.76 24.62
N ILE B 13 -8.05 -19.33 23.82
CA ILE B 13 -8.16 -18.18 22.92
C ILE B 13 -7.99 -18.68 21.49
N LYS B 14 -8.95 -18.40 20.64
CA LYS B 14 -8.86 -18.77 19.23
C LYS B 14 -8.97 -17.53 18.38
N VAL B 15 -8.18 -17.49 17.32
CA VAL B 15 -8.29 -16.49 16.27
C VAL B 15 -8.68 -17.22 15.00
N ILE B 16 -9.76 -16.76 14.36
CA ILE B 16 -10.15 -17.29 13.07
C ILE B 16 -10.06 -16.15 12.06
N GLY B 17 -9.15 -16.29 11.09
CA GLY B 17 -8.96 -15.32 10.06
C GLY B 17 -9.71 -15.72 8.79
N ILE B 18 -10.55 -14.81 8.31
CA ILE B 18 -11.45 -15.08 7.21
C ILE B 18 -10.98 -14.30 5.99
N GLY B 19 -11.03 -14.94 4.81
CA GLY B 19 -10.67 -14.30 3.57
C GLY B 19 -9.20 -13.92 3.52
N GLY B 20 -8.87 -13.11 2.52
CA GLY B 20 -7.48 -12.74 2.29
C GLY B 20 -6.86 -11.99 3.45
N ALA B 21 -7.53 -10.95 3.94
CA ALA B 21 -6.96 -10.17 5.03
C ALA B 21 -6.81 -11.00 6.30
N GLY B 22 -7.81 -11.83 6.61
CA GLY B 22 -7.69 -12.69 7.79
C GLY B 22 -6.60 -13.74 7.65
N ASN B 23 -6.51 -14.39 6.48
CA ASN B 23 -5.44 -15.34 6.23
C ASN B 23 -4.07 -14.69 6.36
N ASN B 24 -3.91 -13.51 5.78
CA ASN B 24 -2.70 -12.72 6.00
C ASN B 24 -2.40 -12.54 7.48
N ALA B 25 -3.40 -12.08 8.24
CA ALA B 25 -3.17 -11.78 9.66
C ALA B 25 -2.72 -13.03 10.42
N VAL B 26 -3.35 -14.17 10.14
CA VAL B 26 -3.01 -15.41 10.86
C VAL B 26 -1.58 -15.82 10.57
N ASN B 27 -1.19 -15.83 9.29
CA ASN B 27 0.19 -16.14 8.95
C ASN B 27 1.16 -15.24 9.69
N ARG B 28 0.90 -13.94 9.71
CA ARG B 28 1.80 -13.03 10.40
C ARG B 28 1.85 -13.32 11.90
N MET B 29 0.74 -13.76 12.50
CA MET B 29 0.76 -14.11 13.92
C MET B 29 1.56 -15.38 14.17
N ILE B 30 1.45 -16.36 13.26
CA ILE B 30 2.22 -17.58 13.39
C ILE B 30 3.71 -17.30 13.25
N GLU B 31 4.08 -16.39 12.35
CA GLU B 31 5.49 -16.09 12.12
C GLU B 31 6.10 -15.31 13.28
N ALA B 32 5.39 -14.29 13.76
CA ALA B 32 5.84 -13.55 14.93
C ALA B 32 5.82 -14.40 16.20
N GLY B 33 5.33 -15.62 16.13
CA GLY B 33 5.29 -16.50 17.28
C GLY B 33 4.40 -16.02 18.41
N VAL B 34 3.20 -15.55 18.08
CA VAL B 34 2.25 -15.20 19.12
C VAL B 34 1.97 -16.45 19.94
N GLN B 35 2.00 -16.30 21.25
CA GLN B 35 1.94 -17.44 22.18
C GLN B 35 0.52 -17.67 22.67
N GLY B 36 0.22 -18.92 22.97
CA GLY B 36 -0.99 -19.26 23.69
C GLY B 36 -2.26 -18.92 22.96
N VAL B 37 -2.27 -19.09 21.65
CA VAL B 37 -3.44 -18.84 20.82
C VAL B 37 -3.49 -19.92 19.74
N GLU B 38 -4.67 -20.53 19.55
CA GLU B 38 -4.91 -21.40 18.40
C GLU B 38 -5.43 -20.59 17.21
N PHE B 39 -4.90 -20.87 16.04
CA PHE B 39 -5.20 -20.12 14.83
C PHE B 39 -6.02 -20.98 13.87
N ILE B 40 -6.98 -20.36 13.22
CA ILE B 40 -7.79 -21.00 12.19
C ILE B 40 -7.88 -20.07 10.99
N VAL B 41 -7.86 -20.66 9.79
CA VAL B 41 -8.08 -19.91 8.55
C VAL B 41 -9.30 -20.48 7.85
N ALA B 42 -10.10 -19.59 7.27
CA ALA B 42 -11.26 -19.96 6.48
C ALA B 42 -11.30 -19.06 5.25
N ASN B 43 -11.40 -19.66 4.07
CA ASN B 43 -11.56 -18.91 2.83
C ASN B 43 -12.28 -19.78 1.81
N THR B 44 -13.16 -19.15 1.02
CA THR B 44 -13.79 -19.85 -0.10
C THR B 44 -12.78 -20.22 -1.19
N ASP B 45 -11.75 -19.40 -1.39
CA ASP B 45 -10.69 -19.71 -2.35
C ASP B 45 -9.87 -20.88 -1.82
N ALA B 46 -10.09 -22.06 -2.37
CA ALA B 46 -9.35 -23.23 -1.91
C ALA B 46 -7.85 -23.08 -2.13
N GLN B 47 -7.45 -22.25 -3.10
CA GLN B 47 -6.02 -22.07 -3.38
C GLN B 47 -5.31 -21.44 -2.20
N ILE B 48 -5.71 -20.21 -1.85
CA ILE B 48 -5.08 -19.47 -0.75
C ILE B 48 -4.99 -20.32 0.50
N ILE B 49 -6.06 -21.08 0.79
CA ILE B 49 -6.06 -21.92 1.98
C ILE B 49 -4.94 -22.96 1.92
N SER B 50 -4.78 -23.60 0.75
CA SER B 50 -3.85 -24.73 0.62
C SER B 50 -2.46 -24.40 1.12
N VAL B 51 -2.02 -23.17 0.91
CA VAL B 51 -0.65 -22.79 1.19
C VAL B 51 -0.52 -22.07 2.53
N SER B 52 -1.52 -22.17 3.40
CA SER B 52 -1.51 -21.46 4.68
C SER B 52 -0.61 -22.17 5.69
N LYS B 53 -0.09 -21.39 6.64
CA LYS B 53 0.74 -21.88 7.72
C LYS B 53 -0.05 -22.28 8.96
N SER B 54 -1.38 -22.35 8.87
CA SER B 54 -2.22 -22.68 10.00
C SER B 54 -2.48 -24.18 10.05
N LYS B 55 -2.44 -24.74 11.27
CA LYS B 55 -2.78 -26.15 11.46
C LYS B 55 -4.25 -26.43 11.14
N ASN B 56 -5.11 -25.42 11.31
CA ASN B 56 -6.55 -25.61 11.21
C ASN B 56 -7.06 -24.84 10.01
N LYS B 57 -7.42 -25.56 8.95
CA LYS B 57 -7.80 -24.98 7.66
C LYS B 57 -9.27 -25.28 7.36
N ILE B 58 -9.96 -24.32 6.76
CA ILE B 58 -11.37 -24.48 6.42
C ILE B 58 -11.58 -23.87 5.03
N VAL B 59 -12.09 -24.68 4.11
CA VAL B 59 -12.59 -24.19 2.83
C VAL B 59 -14.08 -23.94 2.99
N LEU B 60 -14.50 -22.70 2.78
CA LEU B 60 -15.88 -22.34 3.01
C LEU B 60 -16.74 -22.68 1.80
N GLY B 61 -17.94 -23.20 2.06
CA GLY B 61 -18.91 -23.51 1.04
C GLY B 61 -18.37 -24.30 -0.13
N LYS B 62 -17.66 -25.40 0.16
CA LYS B 62 -17.10 -26.23 -0.90
C LYS B 62 -18.17 -26.80 -1.83
N GLU B 63 -19.45 -26.61 -1.50
CA GLU B 63 -20.54 -27.07 -2.35
C GLU B 63 -20.86 -26.05 -3.46
N THR B 64 -21.29 -24.85 -3.07
CA THR B 64 -21.67 -23.82 -4.04
C THR B 64 -20.45 -23.26 -4.77
N SER B 65 -19.63 -22.46 -4.07
CA SER B 65 -18.45 -21.89 -4.70
C SER B 65 -17.55 -22.95 -5.31
N LYS B 66 -17.62 -24.18 -4.80
CA LYS B 66 -16.78 -25.27 -5.29
C LYS B 66 -15.30 -24.96 -5.10
N GLY B 67 -15.00 -24.09 -4.12
CA GLY B 67 -13.65 -23.65 -3.86
C GLY B 67 -13.08 -22.64 -4.85
N LEU B 68 -13.84 -22.29 -5.88
CA LEU B 68 -13.35 -21.39 -6.94
C LEU B 68 -13.54 -19.92 -6.57
N GLY B 69 -13.02 -19.53 -5.39
CA GLY B 69 -13.08 -18.14 -4.95
C GLY B 69 -14.46 -17.73 -4.48
N ALA B 70 -14.69 -16.40 -4.43
CA ALA B 70 -15.96 -15.85 -3.99
C ALA B 70 -16.27 -14.48 -4.63
N GLY B 71 -15.29 -13.88 -5.30
CA GLY B 71 -15.52 -12.65 -6.03
C GLY B 71 -15.50 -11.38 -5.21
N ALA B 72 -16.66 -10.71 -5.13
CA ALA B 72 -16.77 -9.45 -4.38
C ALA B 72 -18.23 -9.11 -4.10
N ASP B 75 -22.76 -11.92 -1.11
CA ASP B 75 -23.69 -13.03 -0.86
C ASP B 75 -22.96 -14.38 -0.91
N VAL B 76 -21.90 -14.47 -1.71
CA VAL B 76 -21.12 -15.71 -1.80
C VAL B 76 -20.43 -15.99 -0.47
N GLY B 77 -20.03 -14.96 0.26
CA GLY B 77 -19.37 -15.15 1.53
C GLY B 77 -20.32 -15.69 2.58
N ARG B 78 -21.43 -14.98 2.81
CA ARG B 78 -22.42 -15.43 3.77
C ARG B 78 -22.88 -16.85 3.48
N GLN B 79 -23.18 -17.15 2.22
CA GLN B 79 -23.74 -18.46 1.90
C GLN B 79 -22.71 -19.56 2.12
N ALA B 80 -21.44 -19.31 1.83
CA ALA B 80 -20.42 -20.34 2.01
C ALA B 80 -20.10 -20.57 3.48
N ALA B 81 -20.31 -19.58 4.34
CA ALA B 81 -20.13 -19.77 5.77
C ALA B 81 -21.28 -20.58 6.35
N ILE B 82 -22.52 -20.21 6.00
CA ILE B 82 -23.72 -20.97 6.38
C ILE B 82 -23.55 -22.44 6.02
N GLU B 83 -23.19 -22.73 4.78
CA GLU B 83 -23.04 -24.12 4.35
C GLU B 83 -21.94 -24.86 5.11
N SER B 84 -21.03 -24.15 5.76
CA SER B 84 -19.91 -24.78 6.46
C SER B 84 -20.02 -24.69 7.97
N ALA B 85 -21.16 -24.22 8.50
CA ALA B 85 -21.38 -24.05 9.93
C ALA B 85 -20.79 -25.18 10.77
N GLU B 86 -20.94 -26.43 10.34
CA GLU B 86 -20.49 -27.53 11.17
C GLU B 86 -18.97 -27.56 11.29
N GLU B 87 -18.26 -27.33 10.18
CA GLU B 87 -16.80 -27.26 10.26
C GLU B 87 -16.35 -26.09 11.14
N ILE B 88 -17.08 -24.99 11.07
CA ILE B 88 -16.75 -23.80 11.87
C ILE B 88 -17.03 -24.07 13.35
N LYS B 89 -18.25 -24.52 13.67
CA LYS B 89 -18.58 -24.87 15.06
C LYS B 89 -17.55 -25.84 15.62
N ASP B 90 -17.13 -26.81 14.81
CA ASP B 90 -16.22 -27.81 15.34
C ASP B 90 -14.82 -27.27 15.61
N ALA B 91 -14.40 -26.23 14.86
CA ALA B 91 -13.05 -25.70 15.05
C ALA B 91 -12.99 -24.71 16.22
N LEU B 92 -14.08 -24.00 16.49
CA LEU B 92 -14.14 -23.02 17.58
C LEU B 92 -14.57 -23.63 18.91
N LYS B 93 -14.92 -24.92 18.92
CA LYS B 93 -15.55 -25.53 20.09
C LYS B 93 -14.65 -25.43 21.33
N GLY B 94 -15.22 -24.92 22.42
CA GLY B 94 -14.48 -24.89 23.66
C GLY B 94 -13.67 -23.64 23.93
N ALA B 95 -13.76 -22.62 23.08
CA ALA B 95 -13.02 -21.38 23.29
C ALA B 95 -13.67 -20.50 24.37
N ASP B 96 -12.84 -19.86 25.19
CA ASP B 96 -13.35 -18.82 26.05
C ASP B 96 -13.46 -17.49 25.31
N MET B 97 -12.59 -17.26 24.34
CA MET B 97 -12.55 -16.02 23.59
C MET B 97 -12.22 -16.34 22.13
N VAL B 98 -12.95 -15.71 21.20
CA VAL B 98 -12.75 -15.90 19.78
C VAL B 98 -12.54 -14.54 19.14
N PHE B 99 -11.43 -14.37 18.45
CA PHE B 99 -11.21 -13.22 17.58
C PHE B 99 -11.63 -13.60 16.18
N VAL B 100 -12.57 -12.84 15.62
CA VAL B 100 -12.96 -12.97 14.22
C VAL B 100 -12.22 -11.88 13.45
N ALA B 101 -11.23 -12.26 12.64
CA ALA B 101 -10.38 -11.32 11.92
C ALA B 101 -10.71 -11.36 10.43
N ALA B 102 -11.00 -10.19 9.87
CA ALA B 102 -11.38 -10.11 8.46
C ALA B 102 -11.06 -8.73 7.91
N GLY B 103 -10.97 -8.64 6.59
CA GLY B 103 -10.98 -7.36 5.91
C GLY B 103 -12.32 -7.11 5.26
N MET B 104 -12.97 -6.00 5.60
CA MET B 104 -14.29 -5.69 5.06
C MET B 104 -14.17 -5.09 3.67
N GLY B 105 -15.11 -5.44 2.79
CA GLY B 105 -15.22 -4.88 1.46
C GLY B 105 -15.18 -5.93 0.37
N GLY B 106 -14.53 -7.06 0.64
CA GLY B 106 -14.38 -8.13 -0.35
C GLY B 106 -15.58 -9.06 -0.39
N GLY B 107 -15.41 -10.14 -1.15
CA GLY B 107 -16.49 -11.08 -1.35
C GLY B 107 -16.65 -12.03 -0.17
N THR B 108 -15.54 -12.57 0.32
CA THR B 108 -15.58 -13.58 1.38
C THR B 108 -15.72 -12.94 2.77
N GLY B 109 -14.72 -12.17 3.20
CA GLY B 109 -14.75 -11.62 4.54
C GLY B 109 -16.03 -10.91 4.89
N THR B 110 -16.58 -10.13 3.95
CA THR B 110 -17.73 -9.27 4.27
C THR B 110 -18.94 -10.10 4.68
N GLY B 111 -19.24 -11.18 3.97
CA GLY B 111 -20.43 -11.95 4.23
C GLY B 111 -20.22 -13.09 5.21
N ALA B 112 -19.01 -13.63 5.29
CA ALA B 112 -18.75 -14.79 6.15
C ALA B 112 -18.51 -14.39 7.61
N ALA B 113 -17.80 -13.28 7.85
CA ALA B 113 -17.50 -12.88 9.23
C ALA B 113 -18.73 -12.84 10.14
N PRO B 114 -19.84 -12.17 9.79
CA PRO B 114 -20.98 -12.17 10.71
C PRO B 114 -21.52 -13.54 11.01
N ILE B 115 -21.50 -14.46 10.03
CA ILE B 115 -21.94 -15.83 10.29
C ILE B 115 -21.01 -16.52 11.29
N ILE B 116 -19.70 -16.39 11.09
CA ILE B 116 -18.74 -17.02 11.98
C ILE B 116 -18.81 -16.41 13.38
N ALA B 117 -19.01 -15.10 13.46
CA ALA B 117 -19.17 -14.46 14.75
C ALA B 117 -20.41 -14.97 15.47
N LYS B 118 -21.52 -15.13 14.73
CA LYS B 118 -22.76 -15.60 15.34
C LYS B 118 -22.56 -16.98 15.95
N LEU B 119 -21.93 -17.88 15.19
CA LEU B 119 -21.68 -19.23 15.68
C LEU B 119 -20.75 -19.21 16.89
N ALA B 120 -19.66 -18.43 16.80
CA ALA B 120 -18.70 -18.37 17.89
C ALA B 120 -19.38 -17.92 19.17
N ARG B 121 -20.27 -16.93 19.08
CA ARG B 121 -20.89 -16.36 20.26
C ARG B 121 -21.94 -17.29 20.86
N GLU B 122 -22.73 -17.96 20.00
CA GLU B 122 -23.74 -18.89 20.49
C GLU B 122 -23.10 -20.06 21.23
N GLN B 123 -21.88 -20.43 20.85
CA GLN B 123 -21.20 -21.48 21.59
C GLN B 123 -20.79 -21.07 23.00
N GLY B 124 -20.75 -19.77 23.29
CA GLY B 124 -20.37 -19.26 24.61
C GLY B 124 -19.09 -18.46 24.64
N ALA B 125 -18.44 -18.23 23.51
CA ALA B 125 -17.19 -17.49 23.48
C ALA B 125 -17.44 -16.00 23.67
N LEU B 126 -16.56 -15.33 24.42
CA LEU B 126 -16.45 -13.89 24.28
C LEU B 126 -15.88 -13.60 22.89
N THR B 127 -16.67 -12.95 22.04
CA THR B 127 -16.40 -12.88 20.60
C THR B 127 -16.03 -11.45 20.23
N VAL B 128 -14.77 -11.24 19.88
CA VAL B 128 -14.27 -9.93 19.50
C VAL B 128 -13.96 -9.97 18.01
N GLY B 129 -14.69 -9.16 17.24
CA GLY B 129 -14.33 -8.95 15.85
C GLY B 129 -13.26 -7.86 15.72
N ILE B 130 -12.25 -8.14 14.90
CA ILE B 130 -11.23 -7.16 14.57
C ILE B 130 -11.13 -7.11 13.05
N ILE B 131 -11.30 -5.92 12.48
CA ILE B 131 -11.49 -5.78 11.04
C ILE B 131 -10.89 -4.48 10.55
N THR B 132 -10.52 -4.47 9.27
CA THR B 132 -10.18 -3.25 8.55
C THR B 132 -11.35 -2.84 7.67
N THR B 133 -11.44 -1.55 7.43
CA THR B 133 -12.29 -1.04 6.38
C THR B 133 -11.42 -0.41 5.28
N PRO B 134 -11.95 -0.30 4.06
CA PRO B 134 -11.08 -0.10 2.88
C PRO B 134 -10.46 1.29 2.77
N PHE B 135 -9.34 1.35 2.04
CA PHE B 135 -8.79 2.62 1.59
C PHE B 135 -9.84 3.36 0.75
N SER B 136 -9.80 4.69 0.81
CA SER B 136 -10.69 5.48 -0.04
C SER B 136 -10.46 5.17 -1.52
N PHE B 137 -9.20 4.97 -1.91
CA PHE B 137 -8.98 4.71 -3.33
C PHE B 137 -9.49 3.35 -3.77
N GLU B 138 -9.96 2.50 -2.86
CA GLU B 138 -10.60 1.27 -3.31
C GLU B 138 -11.98 1.50 -3.92
N GLY B 139 -12.55 2.71 -3.81
CA GLY B 139 -13.75 3.07 -4.54
C GLY B 139 -15.00 3.03 -3.67
N ARG B 140 -16.10 3.50 -4.27
CA ARG B 140 -17.33 3.71 -3.52
C ARG B 140 -18.08 2.40 -3.27
N ALA B 141 -18.29 1.59 -4.30
CA ALA B 141 -19.00 0.33 -4.08
C ALA B 141 -18.31 -0.50 -2.99
N ARG B 142 -16.98 -0.57 -3.05
CA ARG B 142 -16.22 -1.33 -2.08
C ARG B 142 -16.37 -0.73 -0.68
N ASN B 143 -16.31 0.58 -0.57
CA ASN B 143 -16.45 1.19 0.76
C ASN B 143 -17.87 1.04 1.31
N SER B 144 -18.89 0.96 0.45
CA SER B 144 -20.24 0.84 0.98
C SER B 144 -20.59 -0.62 1.28
N TYR B 145 -20.10 -1.57 0.49
CA TYR B 145 -20.17 -2.97 0.93
C TYR B 145 -19.52 -3.13 2.31
N ALA B 146 -18.35 -2.50 2.51
CA ALA B 146 -17.66 -2.61 3.79
C ALA B 146 -18.53 -2.13 4.94
N ILE B 147 -19.30 -1.07 4.72
CA ILE B 147 -20.11 -0.52 5.80
C ILE B 147 -21.27 -1.46 6.13
N GLN B 148 -21.89 -2.06 5.11
CA GLN B 148 -22.95 -3.04 5.38
C GLN B 148 -22.41 -4.18 6.23
N GLY B 149 -21.26 -4.74 5.82
CA GLY B 149 -20.70 -5.87 6.54
C GLY B 149 -20.33 -5.54 7.97
N THR B 150 -19.79 -4.34 8.20
CA THR B 150 -19.50 -3.88 9.55
C THR B 150 -20.75 -3.88 10.40
N GLU B 151 -21.86 -3.35 9.87
CA GLU B 151 -23.08 -3.23 10.67
C GLU B 151 -23.68 -4.60 10.97
N GLU B 152 -23.55 -5.55 10.05
CA GLU B 152 -23.99 -6.90 10.33
C GLU B 152 -23.07 -7.57 11.36
N LEU B 153 -21.75 -7.49 11.17
CA LEU B 153 -20.83 -8.09 12.14
C LEU B 153 -21.07 -7.55 13.54
N ARG B 154 -21.38 -6.26 13.65
CA ARG B 154 -21.61 -5.64 14.95
C ARG B 154 -22.73 -6.33 15.72
N LYS B 155 -23.73 -6.85 15.00
CA LYS B 155 -24.87 -7.49 15.65
C LYS B 155 -24.46 -8.76 16.39
N HIS B 156 -23.31 -9.36 16.06
CA HIS B 156 -23.00 -10.71 16.50
C HIS B 156 -21.67 -10.82 17.24
N VAL B 157 -21.16 -9.71 17.76
CA VAL B 157 -19.92 -9.72 18.51
C VAL B 157 -20.14 -9.00 19.82
N ASP B 158 -19.30 -9.33 20.80
CA ASP B 158 -19.28 -8.60 22.05
C ASP B 158 -18.75 -7.19 21.84
N SER B 159 -17.62 -7.07 21.16
CA SER B 159 -17.04 -5.77 20.83
C SER B 159 -16.35 -5.88 19.48
N LEU B 160 -16.25 -4.75 18.79
CA LEU B 160 -15.80 -4.71 17.40
C LEU B 160 -14.70 -3.66 17.25
N ILE B 161 -13.45 -4.11 17.14
CA ILE B 161 -12.31 -3.22 16.90
C ILE B 161 -12.22 -2.96 15.41
N ILE B 162 -12.37 -1.69 15.01
CA ILE B 162 -12.48 -1.32 13.60
C ILE B 162 -11.29 -0.46 13.23
N ILE B 163 -10.43 -0.97 12.35
CA ILE B 163 -9.25 -0.27 11.85
C ILE B 163 -9.52 0.25 10.43
N SER B 164 -9.47 1.57 10.25
CA SER B 164 -9.62 2.15 8.92
C SER B 164 -8.30 2.09 8.17
N ASN B 165 -8.32 1.51 6.97
CA ASN B 165 -7.07 1.43 6.21
C ASN B 165 -6.56 2.81 5.79
N ASP B 166 -7.46 3.80 5.67
CA ASP B 166 -7.03 5.18 5.47
C ASP B 166 -6.17 5.67 6.63
N ARG B 167 -6.67 5.51 7.87
CA ARG B 167 -5.90 5.92 9.06
C ARG B 167 -4.63 5.10 9.21
N LEU B 168 -4.66 3.83 8.84
CA LEU B 168 -3.45 3.02 8.88
C LEU B 168 -2.41 3.58 7.92
N LEU B 169 -2.84 3.98 6.72
CA LEU B 169 -1.90 4.57 5.76
C LEU B 169 -1.23 5.81 6.34
N GLU B 170 -2.00 6.65 7.03
CA GLU B 170 -1.43 7.81 7.71
C GLU B 170 -0.39 7.39 8.74
N VAL B 171 -0.64 6.30 9.46
CA VAL B 171 0.32 5.87 10.47
C VAL B 171 1.61 5.35 9.82
N ILE B 172 1.46 4.51 8.80
CA ILE B 172 2.64 3.92 8.16
C ILE B 172 3.41 4.97 7.36
N GLY B 173 2.69 5.79 6.58
CA GLY B 173 3.38 6.81 5.80
C GLY B 173 3.78 8.04 6.58
N GLY B 174 3.17 8.27 7.74
CA GLY B 174 3.50 9.43 8.54
C GLY B 174 2.93 10.74 8.04
N VAL B 175 2.07 10.72 7.03
CA VAL B 175 1.52 11.98 6.53
C VAL B 175 0.01 11.85 6.39
N PRO B 176 -0.70 13.00 6.40
CA PRO B 176 -2.15 12.97 6.22
C PRO B 176 -2.50 12.24 4.94
N LEU B 177 -3.73 11.71 4.90
CA LEU B 177 -4.17 10.94 3.74
C LEU B 177 -3.96 11.72 2.44
N LYS B 178 -4.34 13.00 2.43
CA LYS B 178 -4.24 13.81 1.22
C LYS B 178 -2.87 13.73 0.58
N ASP B 179 -1.82 13.50 1.38
CA ASP B 179 -0.44 13.50 0.91
C ASP B 179 0.18 12.11 0.90
N SER B 180 -0.63 11.07 1.08
CA SER B 180 -0.08 9.72 1.25
C SER B 180 0.56 9.18 -0.03
N PHE B 181 0.30 9.77 -1.19
CA PHE B 181 0.95 9.34 -2.43
C PHE B 181 1.70 10.45 -3.14
N LYS B 182 1.94 11.59 -2.46
CA LYS B 182 2.71 12.67 -3.10
C LYS B 182 4.09 12.19 -3.52
N GLU B 183 4.78 11.44 -2.66
CA GLU B 183 6.12 10.99 -3.03
C GLU B 183 6.08 10.08 -4.25
N ALA B 184 5.08 9.20 -4.32
CA ALA B 184 4.92 8.34 -5.49
C ALA B 184 4.60 9.16 -6.74
N ASP B 185 3.65 10.11 -6.64
CA ASP B 185 3.36 11.02 -7.75
C ASP B 185 4.62 11.72 -8.20
N ASN B 186 5.47 12.08 -7.25
CA ASN B 186 6.65 12.85 -7.60
C ASN B 186 7.69 11.99 -8.33
N ILE B 187 7.93 10.76 -7.85
CA ILE B 187 8.87 9.88 -8.57
C ILE B 187 8.40 9.67 -10.01
N LEU B 188 7.08 9.50 -10.20
CA LEU B 188 6.56 9.33 -11.56
C LEU B 188 6.84 10.57 -12.39
N ARG B 189 6.66 11.75 -11.80
CA ARG B 189 6.98 12.99 -12.48
C ARG B 189 8.47 13.02 -12.83
N GLN B 190 9.32 12.60 -11.89
CA GLN B 190 10.76 12.62 -12.14
C GLN B 190 11.13 11.65 -13.25
N GLY B 191 10.52 10.46 -13.25
CA GLY B 191 10.83 9.49 -14.29
C GLY B 191 10.59 10.02 -15.69
N VAL B 192 9.43 10.65 -15.90
CA VAL B 192 9.13 11.28 -17.19
C VAL B 192 10.13 12.39 -17.47
N GLN B 193 10.23 13.34 -16.53
CA GLN B 193 11.02 14.54 -16.75
C GLN B 193 12.49 14.23 -16.97
N THR B 194 13.00 13.18 -16.34
CA THR B 194 14.38 12.76 -16.53
C THR B 194 14.71 12.62 -18.01
N ILE B 195 13.79 12.04 -18.79
CA ILE B 195 13.97 11.83 -20.22
C ILE B 195 13.55 13.06 -21.02
N THR B 196 12.37 13.61 -20.73
CA THR B 196 11.80 14.63 -21.61
C THR B 196 12.55 15.96 -21.52
N ASP B 197 13.11 16.30 -20.36
CA ASP B 197 13.99 17.47 -20.30
C ASP B 197 15.16 17.34 -21.27
N LEU B 198 15.75 16.15 -21.36
CA LEU B 198 16.91 15.97 -22.24
C LEU B 198 16.52 16.08 -23.72
N ILE B 199 15.32 15.67 -24.09
CA ILE B 199 14.88 15.81 -25.47
C ILE B 199 14.41 17.23 -25.77
N ALA B 200 13.61 17.81 -24.86
CA ALA B 200 12.75 18.92 -25.24
C ALA B 200 13.04 20.24 -24.56
N VAL B 201 13.85 20.27 -23.51
CA VAL B 201 14.16 21.51 -22.80
C VAL B 201 15.62 21.86 -23.12
N PRO B 202 15.87 22.87 -23.94
CA PRO B 202 17.24 23.17 -24.38
C PRO B 202 18.17 23.48 -23.21
N SER B 203 19.34 22.84 -23.24
CA SER B 203 20.34 23.04 -22.20
C SER B 203 21.70 22.86 -22.83
N LEU B 204 22.74 22.85 -22.00
CA LEU B 204 24.08 22.71 -22.54
C LEU B 204 24.23 21.37 -23.24
N ILE B 205 23.59 20.33 -22.70
CA ILE B 205 23.71 18.97 -23.21
C ILE B 205 22.32 18.36 -23.32
N ASN B 206 21.81 18.26 -24.56
CA ASN B 206 20.59 17.56 -24.88
C ASN B 206 20.89 16.21 -25.53
N LEU B 207 19.87 15.35 -25.56
CA LEU B 207 19.99 14.10 -26.30
C LEU B 207 19.00 14.10 -27.45
N ASP B 208 19.42 13.48 -28.55
CA ASP B 208 18.58 13.32 -29.73
C ASP B 208 17.56 12.21 -29.50
N PHE B 209 16.35 12.41 -30.02
CA PHE B 209 15.30 11.42 -29.81
C PHE B 209 15.71 10.05 -30.33
N ALA B 210 16.40 10.01 -31.47
CA ALA B 210 16.87 8.76 -32.02
C ALA B 210 17.74 7.99 -31.03
N ASP B 211 18.54 8.71 -30.25
CA ASP B 211 19.40 8.02 -29.29
C ASP B 211 18.63 7.56 -28.05
N ILE B 212 17.61 8.30 -27.63
CA ILE B 212 16.73 7.74 -26.60
C ILE B 212 16.09 6.46 -27.12
N LYS B 213 15.61 6.48 -28.38
CA LYS B 213 15.02 5.30 -29.00
C LYS B 213 15.96 4.11 -28.92
N THR B 214 17.24 4.31 -29.24
CA THR B 214 18.21 3.23 -29.16
C THR B 214 18.26 2.61 -27.76
N VAL B 215 18.17 3.43 -26.72
CA VAL B 215 18.25 2.91 -25.36
C VAL B 215 16.95 2.23 -24.95
N MET B 216 15.80 2.65 -25.48
CA MET B 216 14.54 2.28 -24.87
C MET B 216 13.62 1.44 -25.73
N LYS B 217 13.90 1.30 -27.01
CA LYS B 217 13.01 0.56 -27.91
C LYS B 217 13.26 -0.95 -27.76
N ASN B 218 12.17 -1.71 -27.61
CA ASN B 218 12.23 -3.18 -27.54
C ASN B 218 13.18 -3.67 -26.44
N LYS B 219 12.95 -3.19 -25.22
CA LYS B 219 13.87 -3.48 -24.12
C LYS B 219 13.27 -4.29 -22.99
N GLY B 220 12.03 -4.05 -22.63
CA GLY B 220 11.44 -4.71 -21.47
C GLY B 220 11.59 -3.84 -20.22
N ASN B 221 12.31 -4.35 -19.22
CA ASN B 221 12.42 -3.68 -17.93
C ASN B 221 13.54 -2.65 -17.94
N ALA B 222 13.20 -1.43 -17.58
CA ALA B 222 14.16 -0.35 -17.46
C ALA B 222 14.30 0.01 -15.99
N LEU B 223 15.52 -0.05 -15.47
CA LEU B 223 15.77 0.26 -14.07
C LEU B 223 16.01 1.75 -13.91
N MET B 224 15.49 2.32 -12.83
CA MET B 224 15.65 3.73 -12.53
C MET B 224 16.14 3.92 -11.11
N GLY B 225 17.21 4.69 -10.98
CA GLY B 225 17.72 5.09 -9.67
C GLY B 225 17.96 6.59 -9.65
N ILE B 226 17.57 7.21 -8.55
CA ILE B 226 17.72 8.64 -8.36
C ILE B 226 18.55 8.86 -7.12
N GLY B 227 19.44 9.84 -7.17
CA GLY B 227 20.26 10.18 -6.01
C GLY B 227 20.50 11.67 -5.93
N ILE B 228 20.47 12.23 -4.73
CA ILE B 228 20.75 13.65 -4.54
C ILE B 228 21.95 13.81 -3.62
N GLY B 229 22.77 14.82 -3.90
CA GLY B 229 23.95 15.07 -3.10
C GLY B 229 24.20 16.57 -2.97
N SER B 230 25.02 16.93 -1.99
CA SER B 230 25.28 18.33 -1.69
C SER B 230 26.72 18.46 -1.20
N GLY B 231 27.23 19.69 -1.21
CA GLY B 231 28.57 19.97 -0.74
C GLY B 231 29.66 19.66 -1.77
N LYS B 232 30.90 19.68 -1.26
CA LYS B 232 32.09 19.50 -2.11
C LYS B 232 32.06 18.19 -2.87
N ASP B 233 31.61 17.11 -2.23
CA ASP B 233 31.57 15.79 -2.85
C ASP B 233 30.18 15.43 -3.34
N LYS B 234 29.43 16.42 -3.87
CA LYS B 234 28.04 16.17 -4.26
C LYS B 234 27.93 15.16 -5.41
N ALA B 235 28.84 15.21 -6.38
CA ALA B 235 28.74 14.26 -7.49
C ALA B 235 28.90 12.83 -6.99
N ILE B 236 29.93 12.61 -6.16
CA ILE B 236 30.17 11.30 -5.57
C ILE B 236 28.99 10.84 -4.73
N GLU B 237 28.38 11.76 -3.99
CA GLU B 237 27.24 11.39 -3.15
C GLU B 237 26.00 11.13 -4.01
N ALA B 238 25.69 12.03 -4.93
CA ALA B 238 24.53 11.88 -5.80
C ALA B 238 24.62 10.60 -6.62
N ALA B 239 25.73 10.39 -7.33
CA ALA B 239 25.82 9.24 -8.24
C ALA B 239 25.74 7.92 -7.48
N ASN B 240 26.43 7.81 -6.34
CA ASN B 240 26.38 6.54 -5.61
C ASN B 240 25.00 6.30 -5.01
N LYS B 241 24.33 7.35 -4.54
CA LYS B 241 22.96 7.17 -4.06
C LYS B 241 22.02 6.70 -5.17
N ALA B 242 22.26 7.09 -6.43
CA ALA B 242 21.39 6.62 -7.49
C ALA B 242 21.68 5.17 -7.87
N ILE B 243 22.95 4.77 -7.78
CA ILE B 243 23.42 3.44 -8.19
C ILE B 243 22.85 2.34 -7.30
N ILE B 244 22.59 2.63 -6.03
CA ILE B 244 22.04 1.64 -5.11
C ILE B 244 20.74 2.16 -4.52
N SER B 245 20.02 2.95 -5.29
CA SER B 245 18.73 3.47 -4.85
C SER B 245 17.80 2.33 -4.43
N PRO B 246 17.13 2.43 -3.27
CA PRO B 246 16.09 1.44 -2.93
C PRO B 246 15.05 1.28 -4.02
N LEU B 247 14.88 2.28 -4.90
CA LEU B 247 13.86 2.17 -5.95
C LEU B 247 14.23 1.22 -7.09
N LEU B 248 15.47 0.73 -7.15
CA LEU B 248 15.87 -0.14 -8.25
C LEU B 248 15.31 -1.54 -8.05
N GLU B 249 14.59 -2.04 -9.07
CA GLU B 249 14.16 -3.44 -9.10
C GLU B 249 15.32 -4.39 -8.84
N ALA B 250 16.46 -4.15 -9.50
CA ALA B 250 17.62 -5.01 -9.42
C ALA B 250 18.86 -4.17 -9.66
N SER B 251 20.02 -4.83 -9.65
CA SER B 251 21.28 -4.13 -9.89
C SER B 251 21.34 -3.60 -11.31
N ILE B 252 21.90 -2.39 -11.46
CA ILE B 252 22.20 -1.87 -12.79
C ILE B 252 23.48 -2.46 -13.36
N ARG B 253 24.19 -3.26 -12.57
CA ARG B 253 25.44 -3.86 -13.04
C ARG B 253 25.19 -4.75 -14.28
N GLY B 254 25.97 -4.53 -15.33
CA GLY B 254 25.84 -5.29 -16.54
C GLY B 254 24.95 -4.70 -17.62
N ALA B 255 24.18 -3.64 -17.34
CA ALA B 255 23.24 -3.12 -18.32
C ALA B 255 23.95 -2.80 -19.63
N ARG B 256 23.23 -2.95 -20.74
CA ARG B 256 23.85 -2.72 -22.04
C ARG B 256 23.74 -1.27 -22.49
N ASP B 257 22.71 -0.55 -22.05
CA ASP B 257 22.51 0.85 -22.37
C ASP B 257 22.02 1.58 -21.13
N ALA B 258 22.33 2.87 -21.04
CA ALA B 258 21.78 3.64 -19.93
C ALA B 258 21.68 5.11 -20.31
N ILE B 259 20.70 5.79 -19.73
CA ILE B 259 20.57 7.23 -19.84
C ILE B 259 20.91 7.83 -18.48
N ILE B 260 21.68 8.89 -18.47
CA ILE B 260 22.03 9.60 -17.24
C ILE B 260 21.56 11.03 -17.38
N ASN B 261 20.73 11.47 -16.45
CA ASN B 261 20.29 12.86 -16.34
C ASN B 261 21.01 13.46 -15.14
N VAL B 262 21.77 14.53 -15.38
CA VAL B 262 22.43 15.27 -14.34
C VAL B 262 21.73 16.62 -14.24
N THR B 263 21.15 16.90 -13.08
CA THR B 263 20.43 18.14 -12.84
C THR B 263 21.09 18.89 -11.71
N GLY B 264 21.29 20.19 -11.89
CA GLY B 264 21.94 21.02 -10.89
C GLY B 264 21.46 22.46 -10.98
N GLY B 265 21.93 23.26 -10.02
CA GLY B 265 21.66 24.68 -10.00
C GLY B 265 22.72 25.44 -10.78
N ASN B 266 22.66 26.77 -10.67
CA ASN B 266 23.48 27.61 -11.53
C ASN B 266 24.98 27.46 -11.26
N THR B 267 25.39 26.92 -10.09
CA THR B 267 26.82 26.76 -9.77
C THR B 267 27.38 25.39 -10.13
N LEU B 268 26.61 24.50 -10.76
CA LEU B 268 27.10 23.16 -11.08
C LEU B 268 28.22 23.24 -12.10
N THR B 269 29.30 22.49 -11.86
CA THR B 269 30.48 22.55 -12.73
C THR B 269 30.46 21.42 -13.77
N LEU B 270 31.17 21.67 -14.87
CA LEU B 270 31.45 20.60 -15.83
C LEU B 270 32.08 19.40 -15.13
N ASN B 271 33.00 19.66 -14.20
CA ASN B 271 33.68 18.57 -13.50
C ASN B 271 32.70 17.73 -12.66
N ASP B 272 31.76 18.37 -11.96
CA ASP B 272 30.72 17.65 -11.23
C ASP B 272 29.93 16.72 -12.16
N ALA B 273 29.42 17.25 -13.27
CA ALA B 273 28.62 16.42 -14.17
C ALA B 273 29.47 15.27 -14.73
N ASN B 274 30.71 15.58 -15.09
CA ASN B 274 31.60 14.55 -15.62
C ASN B 274 31.88 13.45 -14.59
N ASP B 275 32.09 13.83 -13.31
CA ASP B 275 32.32 12.81 -12.28
C ASP B 275 31.10 11.93 -12.07
N ALA B 276 29.90 12.53 -12.05
CA ALA B 276 28.72 11.71 -11.86
C ALA B 276 28.60 10.69 -12.99
N VAL B 277 28.83 11.11 -14.24
CA VAL B 277 28.75 10.17 -15.36
C VAL B 277 29.81 9.08 -15.24
N ASP B 278 31.03 9.46 -14.88
CA ASP B 278 32.10 8.47 -14.74
C ASP B 278 31.79 7.45 -13.64
N ILE B 279 31.19 7.90 -12.54
CA ILE B 279 30.85 6.99 -11.46
C ILE B 279 29.82 5.97 -11.94
N VAL B 280 28.78 6.42 -12.62
CA VAL B 280 27.75 5.50 -13.07
C VAL B 280 28.30 4.53 -14.10
N LYS B 281 29.17 5.02 -14.99
CA LYS B 281 29.78 4.13 -15.99
C LYS B 281 30.63 3.06 -15.33
N GLN B 282 31.43 3.43 -14.33
CA GLN B 282 32.19 2.42 -13.61
C GLN B 282 31.28 1.47 -12.85
N ALA B 283 30.15 1.95 -12.33
CA ALA B 283 29.30 1.07 -11.54
C ALA B 283 28.60 0.04 -12.42
N ILE B 284 28.19 0.45 -13.61
CA ILE B 284 27.58 -0.49 -14.55
C ILE B 284 28.64 -1.45 -15.08
N GLY B 285 29.76 -0.92 -15.57
CA GLY B 285 30.87 -1.74 -16.00
C GLY B 285 30.70 -2.27 -17.41
N GLY B 286 31.77 -2.91 -17.89
CA GLY B 286 31.71 -3.51 -19.21
C GLY B 286 31.59 -2.46 -20.30
N GLU B 287 31.03 -2.89 -21.43
CA GLU B 287 30.92 -2.03 -22.61
C GLU B 287 29.55 -1.34 -22.69
N VAL B 288 28.95 -0.97 -21.56
CA VAL B 288 27.66 -0.27 -21.59
C VAL B 288 27.75 0.94 -22.52
N ASN B 289 26.70 1.13 -23.31
CA ASN B 289 26.53 2.35 -24.11
C ASN B 289 25.78 3.39 -23.27
N ILE B 290 26.48 4.44 -22.85
CA ILE B 290 25.96 5.47 -21.95
C ILE B 290 25.70 6.73 -22.76
N ILE B 291 24.49 7.29 -22.61
CA ILE B 291 24.20 8.62 -23.14
C ILE B 291 23.72 9.46 -21.96
N PHE B 292 23.91 10.78 -22.04
CA PHE B 292 23.59 11.61 -20.89
C PHE B 292 23.36 13.04 -21.33
N GLY B 293 22.63 13.78 -20.49
CA GLY B 293 22.38 15.20 -20.69
C GLY B 293 22.23 15.87 -19.35
N THR B 294 22.05 17.18 -19.38
CA THR B 294 21.94 17.98 -18.16
C THR B 294 20.66 18.80 -18.19
N ALA B 295 20.28 19.25 -17.00
CA ALA B 295 19.11 20.08 -16.82
C ALA B 295 19.41 21.07 -15.70
N VAL B 296 18.84 22.26 -15.80
CA VAL B 296 19.00 23.32 -14.82
C VAL B 296 17.74 23.39 -13.97
N ASN B 297 17.94 23.46 -12.66
CA ASN B 297 16.87 23.66 -11.69
C ASN B 297 17.36 24.72 -10.71
N GLU B 298 16.82 25.94 -10.82
CA GLU B 298 17.41 27.05 -10.09
C GLU B 298 17.01 27.08 -8.62
N HIS B 299 16.11 26.20 -8.19
CA HIS B 299 15.69 26.10 -6.80
C HIS B 299 16.52 25.08 -6.01
N LEU B 300 17.60 24.58 -6.61
CA LEU B 300 18.56 23.74 -5.92
C LEU B 300 19.72 24.62 -5.47
N ASP B 301 20.09 24.50 -4.21
CA ASP B 301 21.17 25.29 -3.63
C ASP B 301 22.30 24.35 -3.22
N ASP B 302 23.39 24.35 -4.00
CA ASP B 302 24.55 23.52 -3.72
C ASP B 302 24.16 22.04 -3.66
N GLU B 303 23.23 21.66 -4.52
CA GLU B 303 22.79 20.29 -4.67
C GLU B 303 22.83 19.92 -6.14
N MET B 304 22.99 18.63 -6.40
CA MET B 304 22.78 18.09 -7.73
C MET B 304 22.01 16.79 -7.59
N ILE B 305 21.19 16.50 -8.59
CA ILE B 305 20.43 15.25 -8.66
C ILE B 305 20.92 14.46 -9.86
N VAL B 306 21.15 13.18 -9.67
CA VAL B 306 21.60 12.26 -10.71
C VAL B 306 20.56 11.18 -10.86
N THR B 307 20.12 10.94 -12.10
CA THR B 307 19.13 9.92 -12.39
C THR B 307 19.70 9.02 -13.47
N VAL B 308 19.60 7.71 -13.28
CA VAL B 308 20.04 6.75 -14.27
C VAL B 308 18.85 5.88 -14.65
N ILE B 309 18.66 5.67 -15.95
CA ILE B 309 17.70 4.72 -16.47
C ILE B 309 18.47 3.71 -17.28
N ALA B 310 18.50 2.46 -16.82
CA ALA B 310 19.33 1.41 -17.40
C ALA B 310 18.46 0.34 -18.06
N THR B 311 18.87 -0.15 -19.23
CA THR B 311 18.14 -1.23 -19.90
C THR B 311 19.11 -2.33 -20.35
N GLY B 312 18.55 -3.44 -20.80
CA GLY B 312 19.34 -4.50 -21.42
C GLY B 312 19.80 -5.58 -20.46
N PHE B 313 18.96 -6.57 -20.21
CA PHE B 313 19.29 -7.63 -19.27
C PHE B 313 18.85 -9.00 -19.79
C TRS C . -10.60 5.77 -7.62
C1 TRS C . -11.15 5.94 -9.04
C2 TRS C . -11.68 5.22 -6.70
C3 TRS C . -10.05 7.10 -7.15
N TRS C . -9.49 4.79 -7.67
O1 TRS C . -10.05 6.04 -9.94
O2 TRS C . -12.76 6.12 -6.57
O3 TRS C . -9.15 6.93 -6.07
H11 TRS C . -11.75 6.84 -9.10
H12 TRS C . -11.77 5.08 -9.31
H21 TRS C . -12.06 4.27 -7.09
H22 TRS C . -11.26 5.02 -5.71
H31 TRS C . -10.87 7.75 -6.84
H32 TRS C . -9.53 7.60 -7.98
HN1 TRS C . -8.74 5.05 -8.31
HN2 TRS C . -9.17 4.48 -6.76
HN3 TRS C . -9.90 3.96 -8.10
HO1 TRS C . -10.39 6.14 -10.85
HO2 TRS C . -12.58 6.92 -7.12
HO3 TRS C . -8.81 7.79 -5.79
PB GDP D . -7.97 2.67 -10.28
O1B GDP D . -8.23 4.11 -10.70
O2B GDP D . -7.41 1.86 -11.42
O3B GDP D . -9.27 2.03 -9.80
O3A GDP D . -6.92 2.59 -9.08
PA GDP D . -6.03 3.82 -8.56
O1A GDP D . -6.81 4.88 -7.82
O2A GDP D . -5.20 4.37 -9.73
O5' GDP D . -5.06 3.07 -7.51
C5' GDP D . -4.11 2.14 -8.05
C4' GDP D . -2.97 1.98 -7.10
O4' GDP D . -2.22 3.18 -7.09
C3' GDP D . -3.43 1.80 -5.68
O3' GDP D . -3.51 0.40 -5.43
C2' GDP D . -2.36 2.49 -4.85
O2' GDP D . -1.23 1.63 -4.66
C1' GDP D . -1.82 3.55 -5.77
N9 GDP D . -2.42 4.88 -5.56
C8 GDP D . -3.63 5.17 -5.05
N7 GDP D . -3.86 6.52 -5.05
C5 GDP D . -2.77 7.08 -5.62
C6 GDP D . -2.33 8.44 -5.95
O6 GDP D . -3.08 9.40 -5.68
N1 GDP D . -1.14 8.58 -6.52
C2 GDP D . -0.32 7.54 -6.81
N2 GDP D . 0.87 7.80 -7.40
N3 GDP D . -0.65 6.26 -6.54
C4 GDP D . -1.84 5.99 -5.95
PB GDP E . -11.82 -11.33 0.31
O1B GDP E . -12.39 -11.62 -1.07
O2B GDP E . -12.93 -11.15 1.31
O3B GDP E . -10.91 -12.46 0.72
O3A GDP E . -11.08 -9.90 0.24
PA GDP E . -9.78 -9.54 1.09
O1A GDP E . -8.47 -9.98 0.44
O2A GDP E . -9.85 -10.11 2.49
O5' GDP E . -9.92 -7.93 1.08
C5' GDP E . -10.95 -7.27 1.81
C4' GDP E . -10.47 -5.86 2.16
O4' GDP E . -9.59 -5.91 3.28
C3' GDP E . -9.64 -5.24 1.04
O3' GDP E . -10.49 -4.49 0.17
C2' GDP E . -8.63 -4.37 1.75
O2' GDP E . -9.23 -3.10 1.99
C1' GDP E . -8.46 -5.03 3.12
N9 GDP E . -7.23 -5.83 3.23
C8 GDP E . -6.98 -6.97 2.57
N7 GDP E . -5.76 -7.47 2.92
C5 GDP E . -5.22 -6.66 3.84
C6 GDP E . -3.96 -6.60 4.63
O6 GDP E . -3.06 -7.45 4.54
N1 GDP E . -3.80 -5.58 5.47
C2 GDP E . -4.73 -4.62 5.61
N2 GDP E . -4.47 -3.63 6.48
N3 GDP E . -5.90 -4.61 4.91
C4 GDP E . -6.20 -5.59 4.04
#